data_6PR8
#
_entry.id   6PR8
#
_cell.length_a   78.890
_cell.length_b   78.890
_cell.length_c   107.900
_cell.angle_alpha   90.000
_cell.angle_beta   90.000
_cell.angle_gamma   120.000
#
_symmetry.space_group_name_H-M   'P 61 2 2'
#
loop_
_entity.id
_entity.type
_entity.pdbx_description
1 polymer 'Dihydrofolate reductase'
2 non-polymer (2E)-3-{5-[(2,4-diaminopyrimidin-5-yl)methyl]-2,3-dimethoxyphenyl}-1-[(1S)-1-(3,5-dimethylphenyl)phthalazin-2(1H)-yl]prop-2-en-1-one
3 non-polymer 'NADP NICOTINAMIDE-ADENINE-DINUCLEOTIDE PHOSPHATE'
4 non-polymer GLYCEROL
5 water water
#
_entity_poly.entity_id   1
_entity_poly.type   'polypeptide(L)'
_entity_poly.pdbx_seq_one_letter_code
;TLSILVAHDLQRVIGFENQLPWHLPNDLKHVKKLSTGHTLVMGRKTFESIGKPLPNRRNVVLTSDTSFNVEGVDVIHSIE
DIYQLPGHVFIFGGQTLFEEMIDKVDDMYITVIEGKFRGDTFFPPYTFEDWEVASSVEGKLDEKNTIPHTFLHLIRKKLV
PR
;
_entity_poly.pdbx_strand_id   A
#
loop_
_chem_comp.id
_chem_comp.type
_chem_comp.name
_chem_comp.formula
GOL non-polymer GLYCEROL 'C3 H8 O3'
NAP non-polymer 'NADP NICOTINAMIDE-ADENINE-DINUCLEOTIDE PHOSPHATE' 'C21 H28 N7 O17 P3'
OWJ non-polymer (2E)-3-{5-[(2,4-diaminopyrimidin-5-yl)methyl]-2,3-dimethoxyphenyl}-1-[(1S)-1-(3,5-dimethylphenyl)phthalazin-2(1H)-yl]prop-2-en-1-one 'C32 H32 N6 O3'
#
# COMPACT_ATOMS: atom_id res chain seq x y z
N THR A 1 -6.41 13.00 -4.92
CA THR A 1 -5.08 12.60 -4.48
C THR A 1 -4.81 11.14 -4.84
N LEU A 2 -3.56 10.86 -5.22
CA LEU A 2 -3.09 9.50 -5.50
C LEU A 2 -1.99 9.19 -4.49
N SER A 3 -2.21 8.16 -3.69
CA SER A 3 -1.31 7.83 -2.57
C SER A 3 -0.90 6.37 -2.66
N ILE A 4 0.29 6.09 -2.17
CA ILE A 4 0.71 4.72 -1.90
C ILE A 4 0.38 4.41 -0.44
N LEU A 5 -0.09 3.19 -0.19
CA LEU A 5 -0.35 2.69 1.15
C LEU A 5 0.36 1.35 1.30
N VAL A 6 1.33 1.26 2.20
CA VAL A 6 2.21 0.10 2.23
C VAL A 6 2.78 -0.09 3.64
N ALA A 7 3.03 -1.34 3.99
CA ALA A 7 3.85 -1.70 5.14
C ALA A 7 5.08 -2.44 4.62
N HIS A 8 6.27 -1.98 5.03
CA HIS A 8 7.48 -2.68 4.64
C HIS A 8 8.45 -2.70 5.81
N ASP A 9 9.32 -3.72 5.83
CA ASP A 9 10.22 -3.91 6.96
C ASP A 9 11.52 -3.15 6.73
N LEU A 10 12.50 -3.35 7.61
CA LEU A 10 13.75 -2.59 7.54
C LEU A 10 14.51 -2.80 6.24
N GLN A 11 14.20 -3.88 5.51
CA GLN A 11 14.84 -4.17 4.23
C GLN A 11 13.86 -4.05 3.08
N ARG A 12 12.71 -3.43 3.33
CA ARG A 12 11.65 -3.17 2.37
C ARG A 12 10.92 -4.43 1.92
N VAL A 13 10.98 -5.52 2.70
CA VAL A 13 10.13 -6.68 2.45
C VAL A 13 8.68 -6.26 2.65
N ILE A 14 7.82 -6.66 1.72
CA ILE A 14 6.38 -6.45 1.86
C ILE A 14 5.58 -7.75 1.88
N GLY A 15 6.16 -8.87 1.49
CA GLY A 15 5.37 -10.09 1.43
C GLY A 15 6.23 -11.33 1.40
N PHE A 16 5.62 -12.44 1.79
CA PHE A 16 6.23 -13.76 1.64
C PHE A 16 5.13 -14.74 1.31
N GLU A 17 5.28 -15.43 0.19
CA GLU A 17 4.32 -16.43 -0.27
C GLU A 17 2.90 -15.88 -0.24
N ASN A 18 2.73 -14.71 -0.86
CA ASN A 18 1.43 -14.07 -1.04
C ASN A 18 0.73 -13.78 0.27
N GLN A 19 1.49 -13.55 1.34
CA GLN A 19 0.96 -13.15 2.64
C GLN A 19 1.84 -12.08 3.24
N LEU A 20 1.28 -11.30 4.17
CA LEU A 20 2.10 -10.40 4.97
C LEU A 20 3.01 -11.24 5.86
N PRO A 21 4.30 -10.93 5.94
CA PRO A 21 5.19 -11.72 6.80
C PRO A 21 4.92 -11.55 8.28
N TRP A 22 4.25 -10.47 8.68
CA TRP A 22 4.06 -10.12 10.09
C TRP A 22 2.58 -10.21 10.46
N HIS A 23 2.35 -10.31 11.75
CA HIS A 23 1.03 -10.28 12.35
C HIS A 23 1.03 -8.98 13.14
N LEU A 24 0.28 -8.02 12.70
CA LEU A 24 0.26 -6.70 13.33
C LEU A 24 -1.12 -6.08 13.17
N PRO A 25 -2.06 -6.44 14.05
CA PRO A 25 -3.43 -5.91 13.90
C PRO A 25 -3.52 -4.40 13.84
N ASN A 26 -2.68 -3.68 14.60
CA ASN A 26 -2.72 -2.22 14.61
CA ASN A 26 -2.76 -2.23 14.60
C ASN A 26 -2.53 -1.64 13.21
N ASP A 27 -1.75 -2.31 12.36
CA ASP A 27 -1.53 -1.74 11.03
C ASP A 27 -2.73 -1.94 10.13
N LEU A 28 -3.45 -3.06 10.29
CA LEU A 28 -4.69 -3.24 9.55
C LEU A 28 -5.74 -2.23 9.96
N LYS A 29 -5.77 -1.83 11.24
CA LYS A 29 -6.65 -0.75 11.67
C LYS A 29 -6.20 0.59 11.09
N HIS A 30 -4.89 0.80 10.99
CA HIS A 30 -4.36 1.97 10.29
C HIS A 30 -4.85 1.99 8.84
N VAL A 31 -4.70 0.87 8.14
CA VAL A 31 -5.18 0.76 6.76
C VAL A 31 -6.67 1.07 6.70
N LYS A 32 -7.44 0.49 7.63
CA LYS A 32 -8.89 0.69 7.64
C LYS A 32 -9.24 2.16 7.81
N LYS A 33 -8.57 2.85 8.74
CA LYS A 33 -8.93 4.24 9.00
C LYS A 33 -8.54 5.15 7.85
N LEU A 34 -7.40 4.86 7.19
CA LEU A 34 -6.99 5.70 6.07
C LEU A 34 -7.91 5.52 4.86
N SER A 35 -8.34 4.30 4.58
CA SER A 35 -8.93 3.98 3.29
C SER A 35 -10.44 3.83 3.31
N THR A 36 -11.09 3.86 4.48
CA THR A 36 -12.54 3.78 4.52
C THR A 36 -13.16 4.98 3.81
N GLY A 37 -14.14 4.72 2.96
CA GLY A 37 -14.78 5.77 2.19
C GLY A 37 -14.01 6.21 0.98
N HIS A 38 -12.89 5.56 0.66
CA HIS A 38 -12.10 5.94 -0.51
C HIS A 38 -11.92 4.74 -1.43
N THR A 39 -10.82 4.72 -2.19
CA THR A 39 -10.61 3.71 -3.22
C THR A 39 -9.26 3.03 -3.01
N LEU A 40 -9.26 1.69 -3.10
CA LEU A 40 -8.04 0.89 -3.11
C LEU A 40 -7.83 0.34 -4.51
N VAL A 41 -6.62 0.51 -5.03
CA VAL A 41 -6.20 -0.10 -6.30
C VAL A 41 -5.13 -1.13 -5.97
N MET A 42 -5.34 -2.36 -6.42
CA MET A 42 -4.43 -3.44 -6.09
C MET A 42 -4.26 -4.37 -7.28
N GLY A 43 -3.09 -5.01 -7.35
CA GLY A 43 -2.86 -6.00 -8.38
C GLY A 43 -3.62 -7.29 -8.09
N ARG A 44 -3.69 -8.13 -9.12
CA ARG A 44 -4.49 -9.34 -9.03
C ARG A 44 -4.03 -10.26 -7.90
N LYS A 45 -2.72 -10.42 -7.75
CA LYS A 45 -2.21 -11.33 -6.71
C LYS A 45 -2.52 -10.81 -5.32
N THR A 46 -2.39 -9.50 -5.11
CA THR A 46 -2.75 -8.95 -3.81
C THR A 46 -4.22 -9.19 -3.49
N PHE A 47 -5.10 -9.05 -4.49
CA PHE A 47 -6.51 -9.29 -4.22
C PHE A 47 -6.77 -10.74 -3.85
N GLU A 48 -6.19 -11.67 -4.59
N GLU A 48 -6.19 -11.67 -4.59
CA GLU A 48 -6.40 -13.10 -4.31
CA GLU A 48 -6.42 -13.09 -4.30
C GLU A 48 -5.88 -13.49 -2.94
C GLU A 48 -5.89 -13.48 -2.93
N SER A 49 -4.85 -12.79 -2.45
CA SER A 49 -4.36 -13.06 -1.10
C SER A 49 -5.39 -12.66 -0.05
N ILE A 50 -5.98 -11.49 -0.20
CA ILE A 50 -7.05 -11.07 0.70
C ILE A 50 -8.30 -11.92 0.48
N GLY A 51 -8.59 -12.25 -0.75
CA GLY A 51 -9.70 -13.14 -1.05
C GLY A 51 -11.11 -12.62 -1.27
N LYS A 52 -11.42 -11.47 -0.69
CA LYS A 52 -12.68 -10.79 -0.88
C LYS A 52 -12.44 -9.26 -0.75
N PRO A 53 -13.35 -8.44 -1.25
CA PRO A 53 -13.08 -7.02 -1.12
C PRO A 53 -13.25 -6.55 0.28
N LEU A 54 -12.48 -5.56 0.63
CA LEU A 54 -12.54 -4.96 1.95
C LEU A 54 -13.79 -4.08 2.05
N PRO A 55 -14.59 -4.22 3.10
CA PRO A 55 -15.87 -3.50 3.15
C PRO A 55 -15.68 -2.00 3.33
N ASN A 56 -16.65 -1.25 2.81
CA ASN A 56 -16.82 0.18 3.05
C ASN A 56 -15.78 1.03 2.34
N ARG A 57 -15.37 0.59 1.15
CA ARG A 57 -14.50 1.34 0.27
C ARG A 57 -14.57 0.70 -1.11
N ARG A 58 -14.20 1.48 -2.13
CA ARG A 58 -14.14 0.95 -3.48
C ARG A 58 -12.90 0.07 -3.64
N ASN A 59 -13.10 -1.15 -4.13
CA ASN A 59 -12.03 -2.12 -4.36
C ASN A 59 -11.84 -2.26 -5.86
N VAL A 60 -10.68 -1.81 -6.35
CA VAL A 60 -10.34 -1.86 -7.77
C VAL A 60 -9.16 -2.79 -7.96
N VAL A 61 -9.29 -3.75 -8.88
CA VAL A 61 -8.27 -4.76 -9.12
C VAL A 61 -7.75 -4.59 -10.54
N LEU A 62 -6.43 -4.46 -10.67
CA LEU A 62 -5.78 -4.35 -11.96
C LEU A 62 -5.32 -5.72 -12.42
N THR A 63 -5.77 -6.13 -13.60
CA THR A 63 -5.44 -7.45 -14.12
C THR A 63 -5.55 -7.44 -15.63
N SER A 64 -4.80 -8.33 -16.27
CA SER A 64 -4.96 -8.56 -17.70
C SER A 64 -6.10 -9.53 -18.01
N ASP A 65 -6.73 -10.12 -17.00
CA ASP A 65 -7.75 -11.15 -17.17
C ASP A 65 -9.06 -10.52 -17.64
N THR A 66 -9.39 -10.71 -18.93
CA THR A 66 -10.67 -10.24 -19.45
C THR A 66 -11.86 -10.92 -18.81
N SER A 67 -11.65 -12.08 -18.19
CA SER A 67 -12.72 -12.80 -17.52
C SER A 67 -12.90 -12.40 -16.07
N PHE A 68 -12.03 -11.55 -15.53
CA PHE A 68 -12.10 -11.25 -14.11
C PHE A 68 -13.39 -10.51 -13.80
N ASN A 69 -14.12 -11.04 -12.83
CA ASN A 69 -15.38 -10.43 -12.41
C ASN A 69 -15.69 -10.98 -11.03
N VAL A 70 -15.63 -10.10 -10.03
CA VAL A 70 -15.92 -10.48 -8.64
C VAL A 70 -16.93 -9.48 -8.09
N GLU A 71 -17.91 -10.00 -7.37
CA GLU A 71 -18.93 -9.13 -6.78
C GLU A 71 -18.28 -8.20 -5.77
N GLY A 72 -18.60 -6.91 -5.89
CA GLY A 72 -18.01 -5.90 -5.02
C GLY A 72 -16.66 -5.41 -5.45
N VAL A 73 -16.21 -5.78 -6.65
CA VAL A 73 -14.90 -5.40 -7.16
C VAL A 73 -15.07 -4.76 -8.52
N ASP A 74 -14.44 -3.62 -8.73
CA ASP A 74 -14.32 -3.01 -10.05
C ASP A 74 -12.98 -3.41 -10.65
N VAL A 75 -12.98 -3.68 -11.95
CA VAL A 75 -11.80 -4.17 -12.65
C VAL A 75 -11.29 -3.09 -13.59
N ILE A 76 -9.96 -2.94 -13.64
CA ILE A 76 -9.30 -2.12 -14.65
C ILE A 76 -8.23 -2.99 -15.29
N HIS A 77 -7.85 -2.62 -16.52
CA HIS A 77 -6.92 -3.43 -17.29
C HIS A 77 -5.64 -2.71 -17.68
N SER A 78 -5.49 -1.43 -17.32
CA SER A 78 -4.26 -0.72 -17.61
C SER A 78 -3.98 0.30 -16.52
N ILE A 79 -2.71 0.68 -16.40
CA ILE A 79 -2.30 1.69 -15.45
C ILE A 79 -3.04 3.00 -15.69
N GLU A 80 -3.20 3.38 -16.97
CA GLU A 80 -3.84 4.64 -17.31
C GLU A 80 -5.26 4.75 -16.75
N ASP A 81 -5.92 3.63 -16.50
CA ASP A 81 -7.25 3.66 -15.90
C ASP A 81 -7.23 4.23 -14.49
N ILE A 82 -6.10 4.15 -13.79
CA ILE A 82 -6.04 4.61 -12.41
C ILE A 82 -6.37 6.10 -12.34
N TYR A 83 -5.85 6.89 -13.29
CA TYR A 83 -6.01 8.33 -13.24
C TYR A 83 -7.45 8.78 -13.52
N GLN A 84 -8.32 7.87 -13.96
CA GLN A 84 -9.72 8.20 -14.17
C GLN A 84 -10.60 7.92 -12.95
N LEU A 85 -10.03 7.34 -11.90
CA LEU A 85 -10.80 7.05 -10.71
C LEU A 85 -11.02 8.31 -9.89
N PRO A 86 -12.24 8.58 -9.43
CA PRO A 86 -12.49 9.78 -8.64
C PRO A 86 -12.05 9.62 -7.19
N GLY A 87 -11.83 10.76 -6.55
CA GLY A 87 -11.60 10.77 -5.11
C GLY A 87 -10.17 10.48 -4.73
N HIS A 88 -10.00 10.08 -3.48
CA HIS A 88 -8.70 9.73 -2.94
C HIS A 88 -8.42 8.26 -3.25
N VAL A 89 -7.39 8.01 -4.05
CA VAL A 89 -7.05 6.67 -4.53
C VAL A 89 -5.75 6.24 -3.86
N PHE A 90 -5.79 5.08 -3.21
CA PHE A 90 -4.63 4.48 -2.55
C PHE A 90 -4.13 3.29 -3.37
N ILE A 91 -2.87 3.36 -3.80
CA ILE A 91 -2.21 2.21 -4.41
C ILE A 91 -1.89 1.21 -3.31
N PHE A 92 -2.53 0.04 -3.36
CA PHE A 92 -2.58 -0.89 -2.24
C PHE A 92 -1.56 -2.01 -2.31
N GLY A 93 -0.87 -2.19 -3.44
CA GLY A 93 0.05 -3.29 -3.65
C GLY A 93 -0.29 -4.04 -4.91
N GLY A 94 0.56 -5.03 -5.24
CA GLY A 94 1.74 -5.37 -4.45
C GLY A 94 3.02 -4.81 -5.07
N GLN A 95 4.08 -5.63 -5.09
CA GLN A 95 5.37 -5.14 -5.57
C GLN A 95 5.26 -4.59 -6.99
N THR A 96 4.58 -5.29 -7.85
N THR A 96 4.58 -5.30 -7.87
CA THR A 96 4.44 -4.88 -9.22
CA THR A 96 4.45 -4.87 -9.25
C THR A 96 3.77 -3.50 -9.37
C THR A 96 3.76 -3.49 -9.39
N LEU A 97 2.67 -3.30 -8.68
CA LEU A 97 1.98 -2.02 -8.77
C LEU A 97 2.79 -0.91 -8.11
N PHE A 98 3.47 -1.22 -6.99
CA PHE A 98 4.31 -0.22 -6.35
C PHE A 98 5.42 0.24 -7.28
N GLU A 99 6.08 -0.70 -7.96
CA GLU A 99 7.14 -0.32 -8.90
C GLU A 99 6.61 0.53 -10.04
N GLU A 100 5.38 0.25 -10.50
CA GLU A 100 4.78 1.01 -11.58
C GLU A 100 4.33 2.39 -11.14
N MET A 101 4.05 2.61 -9.85
CA MET A 101 3.42 3.85 -9.42
C MET A 101 4.27 4.73 -8.49
N ILE A 102 5.42 4.26 -8.01
CA ILE A 102 6.13 5.04 -6.99
C ILE A 102 6.58 6.39 -7.55
N ASP A 103 6.87 6.47 -8.85
CA ASP A 103 7.28 7.73 -9.45
C ASP A 103 6.10 8.62 -9.83
N LYS A 104 4.86 8.18 -9.60
CA LYS A 104 3.69 8.91 -10.04
C LYS A 104 2.80 9.40 -8.90
N VAL A 105 2.91 8.84 -7.70
CA VAL A 105 1.98 9.19 -6.63
C VAL A 105 2.37 10.55 -6.03
N ASP A 106 1.37 11.21 -5.44
CA ASP A 106 1.63 12.45 -4.72
C ASP A 106 2.33 12.21 -3.39
N ASP A 107 1.86 11.20 -2.65
CA ASP A 107 2.39 10.95 -1.31
C ASP A 107 2.31 9.47 -1.00
N MET A 108 2.88 9.09 0.14
CA MET A 108 2.94 7.69 0.56
C MET A 108 2.62 7.60 2.04
N TYR A 109 1.74 6.66 2.40
CA TYR A 109 1.50 6.28 3.79
C TYR A 109 2.22 4.97 4.04
N ILE A 110 3.37 5.04 4.71
CA ILE A 110 4.24 3.89 4.89
C ILE A 110 4.26 3.51 6.37
N THR A 111 3.93 2.26 6.66
CA THR A 111 4.21 1.68 7.97
C THR A 111 5.55 0.97 7.88
N VAL A 112 6.55 1.48 8.59
CA VAL A 112 7.86 0.83 8.66
C VAL A 112 7.80 -0.20 9.76
N ILE A 113 7.87 -1.48 9.39
CA ILE A 113 7.97 -2.57 10.36
C ILE A 113 9.42 -2.68 10.78
N GLU A 114 9.71 -2.38 12.05
CA GLU A 114 11.10 -2.26 12.50
C GLU A 114 11.70 -3.63 12.81
N GLY A 115 11.75 -4.48 11.79
CA GLY A 115 12.28 -5.81 11.91
C GLY A 115 12.83 -6.30 10.58
N LYS A 116 13.41 -7.50 10.60
CA LYS A 116 13.96 -8.15 9.41
C LYS A 116 13.24 -9.47 9.23
N PHE A 117 12.39 -9.55 8.21
CA PHE A 117 11.60 -10.74 7.90
C PHE A 117 12.13 -11.39 6.64
N ARG A 118 11.84 -12.69 6.49
CA ARG A 118 12.07 -13.35 5.21
C ARG A 118 10.97 -12.94 4.24
N GLY A 119 11.37 -12.49 3.05
CA GLY A 119 10.40 -12.05 2.06
C GLY A 119 10.75 -12.56 0.67
N ASP A 120 9.75 -12.52 -0.20
CA ASP A 120 9.97 -12.72 -1.61
C ASP A 120 9.43 -11.58 -2.46
N THR A 121 8.92 -10.51 -1.85
CA THR A 121 8.42 -9.35 -2.58
C THR A 121 8.80 -8.10 -1.78
N PHE A 122 9.10 -7.02 -2.51
CA PHE A 122 9.79 -5.87 -1.93
C PHE A 122 9.17 -4.57 -2.44
N PHE A 123 9.14 -3.56 -1.57
CA PHE A 123 8.87 -2.18 -1.97
C PHE A 123 10.10 -1.60 -2.67
N PRO A 124 9.92 -0.80 -3.72
CA PRO A 124 11.09 -0.27 -4.44
C PRO A 124 11.91 0.63 -3.52
N PRO A 125 13.22 0.72 -3.75
CA PRO A 125 14.03 1.67 -2.99
C PRO A 125 13.58 3.10 -3.25
N TYR A 126 13.73 3.94 -2.22
CA TYR A 126 13.41 5.35 -2.30
C TYR A 126 14.31 6.08 -1.31
N THR A 127 14.50 7.38 -1.52
CA THR A 127 15.39 8.13 -0.66
C THR A 127 14.65 9.29 -0.02
N PHE A 128 14.94 9.52 1.27
CA PHE A 128 14.33 10.65 1.95
C PHE A 128 14.82 11.99 1.42
N GLU A 129 15.84 12.01 0.56
CA GLU A 129 16.15 13.24 -0.15
C GLU A 129 14.99 13.66 -1.04
N ASP A 130 14.17 12.71 -1.49
CA ASP A 130 13.06 13.00 -2.39
C ASP A 130 11.73 13.17 -1.69
N TRP A 131 11.63 12.85 -0.40
CA TRP A 131 10.35 12.73 0.29
C TRP A 131 10.40 13.46 1.61
N GLU A 132 9.49 14.40 1.81
CA GLU A 132 9.38 15.13 3.06
C GLU A 132 8.53 14.33 4.05
N VAL A 133 8.99 14.27 5.29
CA VAL A 133 8.27 13.56 6.33
C VAL A 133 7.17 14.46 6.89
N ALA A 134 5.96 14.33 6.34
CA ALA A 134 4.84 15.12 6.85
C ALA A 134 4.49 14.73 8.27
N SER A 135 4.66 13.46 8.63
CA SER A 135 4.41 13.00 9.99
C SER A 135 5.10 11.66 10.19
N SER A 136 5.55 11.41 11.42
CA SER A 136 6.12 10.12 11.78
C SER A 136 5.67 9.81 13.19
N VAL A 137 4.89 8.74 13.34
CA VAL A 137 4.20 8.40 14.58
C VAL A 137 4.55 6.96 14.95
N GLU A 138 5.17 6.77 16.12
CA GLU A 138 5.49 5.43 16.56
C GLU A 138 4.22 4.67 16.92
N GLY A 139 4.10 3.44 16.42
CA GLY A 139 3.00 2.60 16.83
C GLY A 139 3.16 2.15 18.27
N LYS A 140 2.03 1.96 18.94
CA LYS A 140 2.03 1.51 20.32
C LYS A 140 2.05 -0.01 20.36
N LEU A 141 2.86 -0.56 21.25
CA LEU A 141 2.98 -2.00 21.41
C LEU A 141 2.11 -2.48 22.55
N ASP A 142 1.64 -3.72 22.44
CA ASP A 142 0.78 -4.28 23.47
C ASP A 142 0.79 -5.81 23.31
N GLU A 143 -0.14 -6.45 23.97
CA GLU A 143 -0.25 -7.86 23.88
C GLU A 143 -0.38 -8.35 22.44
N LYS A 144 -1.22 -7.74 21.64
CA LYS A 144 -1.40 -8.24 20.28
C LYS A 144 -0.58 -7.58 19.19
N ASN A 145 0.24 -6.62 19.57
CA ASN A 145 1.05 -5.89 18.60
C ASN A 145 2.46 -5.77 19.16
N THR A 146 3.32 -6.73 18.81
CA THR A 146 4.58 -6.93 19.50
C THR A 146 5.80 -6.53 18.67
N ILE A 147 5.61 -6.06 17.45
CA ILE A 147 6.70 -5.65 16.58
C ILE A 147 6.71 -4.13 16.51
N PRO A 148 7.83 -3.48 16.83
CA PRO A 148 7.88 -2.02 16.72
C PRO A 148 7.61 -1.58 15.30
N HIS A 149 6.87 -0.48 15.15
CA HIS A 149 6.49 -0.01 13.84
C HIS A 149 6.26 1.49 13.90
N THR A 150 6.42 2.14 12.75
CA THR A 150 6.33 3.58 12.65
C THR A 150 5.48 3.94 11.45
N PHE A 151 4.47 4.78 11.67
CA PHE A 151 3.62 5.29 10.61
C PHE A 151 4.24 6.55 10.03
N LEU A 152 4.65 6.49 8.76
CA LEU A 152 5.20 7.64 8.04
C LEU A 152 4.18 8.13 7.03
N HIS A 153 4.03 9.45 6.93
CA HIS A 153 3.35 10.08 5.81
C HIS A 153 4.39 10.91 5.07
N LEU A 154 4.73 10.50 3.86
CA LEU A 154 5.79 11.13 3.07
C LEU A 154 5.16 11.83 1.86
N ILE A 155 5.60 13.06 1.61
CA ILE A 155 5.09 13.86 0.50
C ILE A 155 6.25 14.17 -0.43
N ARG A 156 6.04 13.96 -1.73
CA ARG A 156 7.09 14.15 -2.70
C ARG A 156 7.58 15.60 -2.67
N LYS A 157 8.87 15.78 -2.60
CA LYS A 157 9.47 17.08 -2.61
C LYS A 157 9.46 17.69 -3.98
N LYS A 158 9.28 18.99 -4.01
CA LYS A 158 9.31 19.71 -5.25
C LYS A 158 10.76 20.04 -5.62
N LEU A 159 11.09 19.92 -6.88
CA LEU A 159 12.38 20.23 -7.37
C LEU A 159 12.44 21.74 -7.64
N VAL A 160 13.32 22.47 -6.95
CA VAL A 160 13.46 23.92 -7.07
C VAL A 160 14.90 24.28 -7.41
N PRO A 161 15.10 25.40 -8.10
CA PRO A 161 16.48 25.82 -8.39
C PRO A 161 17.13 26.32 -7.12
N ARG A 162 18.24 25.73 -6.77
CA ARG A 162 18.98 26.03 -5.55
C ARG A 162 18.12 25.98 -4.34
C29 OWJ B . -1.51 -9.41 1.39
C30 OWJ B . -2.28 -6.83 2.32
C31 OWJ B . -2.71 -5.62 2.75
C32 OWJ B . -2.07 -4.36 2.17
C34 OWJ B . -1.20 -3.77 4.52
C39 OWJ B . -1.13 -2.11 2.81
C02 OWJ B . -7.93 -7.04 5.93
C05 OWJ B . -8.80 -3.47 6.54
C06 OWJ B . -10.21 -3.71 6.93
C07 OWJ B . -11.19 -2.66 6.81
C08 OWJ B . -12.49 -2.89 7.17
C09 OWJ B . -12.88 -4.13 7.66
C10 OWJ B . -11.97 -5.13 7.78
C11 OWJ B . -10.58 -4.90 7.40
C12 OWJ B . -9.57 -6.00 7.55
C13 OWJ B . -9.16 -6.01 9.05
C14 OWJ B . -8.49 -7.09 9.63
C15 OWJ B . -8.14 -7.05 11.02
C16 OWJ B . -7.44 -8.17 11.64
C17 OWJ B . -8.49 -5.92 11.81
C18 OWJ B . -9.16 -4.84 11.21
C19 OWJ B . -9.55 -3.60 12.00
C20 OWJ B . -9.49 -4.90 9.83
C21 OWJ B . -6.79 -6.94 4.90
C22 OWJ B . -5.48 -6.59 5.29
C23 OWJ B . -4.36 -6.70 4.24
C24 OWJ B . -3.92 -7.94 3.82
C26 OWJ B . -3.91 -9.69 5.48
C27 OWJ B . -2.89 -8.05 2.87
C33 OWJ B . -1.46 -3.39 3.19
C36 OWJ B . -0.37 -1.64 4.97
C41 OWJ B . -3.77 -5.52 3.71
N03 OWJ B . -8.46 -5.85 6.61
N04 OWJ B . -7.96 -4.59 6.37
N35 OWJ B . -0.66 -2.86 5.37
N37 OWJ B . 0.18 -0.71 5.85
N38 OWJ B . -0.59 -1.27 3.71
N40 OWJ B . -1.34 -1.64 1.41
O01 OWJ B . -8.43 -8.14 6.16
O25 OWJ B . -4.51 -9.12 4.35
O28 OWJ B . -2.46 -9.31 2.44
PA NAP C . 0.57 -7.85 -7.34
O1A NAP C . 1.25 -6.58 -7.81
O2A NAP C . -0.38 -7.85 -6.17
O5B NAP C . -0.25 -8.43 -8.60
C5B NAP C . 0.43 -8.52 -9.85
C4B NAP C . -0.64 -8.73 -10.89
O4B NAP C . -1.33 -7.51 -11.11
C3B NAP C . -0.07 -9.08 -12.26
O3B NAP C . 0.22 -10.48 -12.34
C2B NAP C . -1.21 -8.68 -13.16
O2B NAP C . -2.30 -9.59 -13.01
C1B NAP C . -1.71 -7.42 -12.48
N9A NAP C . -1.05 -6.25 -13.09
C8A NAP C . 0.00 -5.57 -12.57
N7A NAP C . 0.36 -4.55 -13.37
C5A NAP C . -0.47 -4.56 -14.44
C6A NAP C . -0.63 -3.76 -15.67
N6A NAP C . 0.18 -2.70 -15.93
N1A NAP C . -1.62 -4.10 -16.51
C2A NAP C . -2.43 -5.14 -16.27
N3A NAP C . -2.34 -5.92 -15.18
C4A NAP C . -1.39 -5.68 -14.25
O3 NAP C . 1.59 -9.08 -7.16
PN NAP C . 3.12 -9.02 -6.64
O1N NAP C . 3.68 -10.42 -6.70
O2N NAP C . 3.83 -7.92 -7.36
O5D NAP C . 2.95 -8.68 -5.06
C5D NAP C . 2.27 -9.59 -4.18
C4D NAP C . 2.83 -9.55 -2.76
O4D NAP C . 2.78 -8.25 -2.17
C3D NAP C . 2.06 -10.47 -1.82
O3D NAP C . 3.00 -11.27 -1.10
C2D NAP C . 1.39 -9.56 -0.80
O2D NAP C . 1.38 -10.19 0.48
C1D NAP C . 2.32 -8.35 -0.82
N1N NAP C . 1.69 -7.11 -0.41
C2N NAP C . 2.19 -6.44 0.64
C3N NAP C . 1.66 -5.24 1.05
C7N NAP C . 2.24 -4.51 2.23
O7N NAP C . 1.85 -3.38 2.48
N7N NAP C . 3.14 -5.12 3.00
C4N NAP C . 0.59 -4.71 0.35
C5N NAP C . 0.06 -5.42 -0.73
C6N NAP C . 0.64 -6.62 -1.10
P2B NAP C . -2.63 -10.72 -14.11
O1X NAP C . -3.91 -11.33 -13.59
O2X NAP C . -2.76 -9.94 -15.38
O3X NAP C . -1.42 -11.62 -14.05
C1 GOL D . 14.03 3.71 2.67
O1 GOL D . 15.17 4.43 3.15
C2 GOL D . 14.44 2.47 1.90
O2 GOL D . 15.15 1.56 2.76
C3 GOL D . 15.25 2.76 0.66
O3 GOL D . 15.69 1.57 0.01
C1 GOL E . 12.72 7.63 -4.74
O1 GOL E . 13.22 8.48 -3.70
C2 GOL E . 11.32 8.09 -5.13
O2 GOL E . 10.35 7.33 -4.41
C3 GOL E . 11.12 7.88 -6.62
O3 GOL E . 9.93 8.56 -7.05
#